data_2AXA
#
_entry.id   2AXA
#
_cell.length_a   54.726
_cell.length_b   66.388
_cell.length_c   68.939
_cell.angle_alpha   90.00
_cell.angle_beta   90.00
_cell.angle_gamma   90.00
#
_symmetry.space_group_name_H-M   'P 21 21 21'
#
loop_
_entity.id
_entity.type
_entity.pdbx_description
1 polymer 'Androgen receptor'
2 non-polymer S-3-(4-FLUOROPHENOXY)-2-HYDROXY-2-METHYL-N-[4-NITRO-3-(TRIFLUOROMETHYL)PHENYL]PROPANAMIDE
3 water water
#
_entity_poly.entity_id   1
_entity_poly.type   'polypeptide(L)'
_entity_poly.pdbx_seq_one_letter_code
;IEGYECQPIFLNVLEAIEPGVVCAGHDNNQPDSFAALLSSLNELGERQLVHVVKWAKALPGFRNLHVDDQMAVIQYSWMG
LMVFAMGWRSFTNVNSRMLYFAPDLVFNEYRMHKSRMYSQCVRMRHLSQEFGWLQITPQEFLCMKALLLFSIIPVDGLKN
QKFFDELRMNYIKELDRIIACKRKNPTSCSRRFYQLTKLLDSVQPIARELHQFTFDLLIKSHMVSVDFPEMMAEIISVQV
PKILSGKVKPIYFHTQ
;
_entity_poly.pdbx_strand_id   A
#
# COMPACT_ATOMS: atom_id res chain seq x y z
N ILE A 9 -8.98 12.75 -19.52
CA ILE A 9 -9.96 12.93 -18.40
C ILE A 9 -9.59 12.03 -17.22
N PHE A 10 -9.40 10.74 -17.50
CA PHE A 10 -9.06 9.77 -16.46
C PHE A 10 -7.80 10.15 -15.69
N LEU A 11 -6.74 10.48 -16.42
CA LEU A 11 -5.47 10.85 -15.78
C LEU A 11 -5.58 12.18 -15.05
N ASN A 12 -6.37 13.11 -15.59
CA ASN A 12 -6.55 14.39 -14.92
C ASN A 12 -7.07 14.15 -13.51
N VAL A 13 -8.04 13.24 -13.39
CA VAL A 13 -8.64 12.91 -12.11
C VAL A 13 -7.64 12.28 -11.14
N LEU A 14 -6.92 11.27 -11.60
CA LEU A 14 -5.94 10.61 -10.74
C LEU A 14 -4.93 11.60 -10.18
N GLU A 15 -4.48 12.51 -11.05
CA GLU A 15 -3.50 13.51 -10.65
C GLU A 15 -4.13 14.46 -9.63
N ALA A 16 -5.37 14.85 -9.88
CA ALA A 16 -6.08 15.78 -9.00
C ALA A 16 -6.35 15.27 -7.59
N ILE A 17 -6.59 13.97 -7.45
CA ILE A 17 -6.89 13.41 -6.12
C ILE A 17 -5.70 12.79 -5.39
N GLU A 18 -4.54 12.76 -6.03
CA GLU A 18 -3.35 12.17 -5.40
C GLU A 18 -3.06 12.89 -4.09
N PRO A 19 -2.99 12.15 -2.97
CA PRO A 19 -2.72 12.73 -1.65
C PRO A 19 -1.44 13.54 -1.59
N GLY A 20 -1.45 14.56 -0.72
CA GLY A 20 -0.27 15.38 -0.56
C GLY A 20 0.66 14.73 0.46
N VAL A 21 1.62 15.51 0.95
CA VAL A 21 2.58 15.02 1.92
C VAL A 21 1.94 14.68 3.27
N VAL A 22 2.30 13.52 3.82
CA VAL A 22 1.80 13.07 5.11
C VAL A 22 2.98 12.80 6.02
N CYS A 23 2.99 13.46 7.18
CA CYS A 23 4.08 13.30 8.14
C CYS A 23 3.70 12.35 9.25
N ALA A 24 4.70 11.73 9.85
CA ALA A 24 4.49 10.76 10.91
C ALA A 24 4.43 11.37 12.31
N GLY A 25 5.12 12.49 12.50
CA GLY A 25 5.14 13.12 13.81
C GLY A 25 6.17 12.47 14.71
N HIS A 26 7.13 11.80 14.10
CA HIS A 26 8.19 11.08 14.82
C HIS A 26 9.21 12.04 15.44
N ASP A 27 9.74 11.68 16.61
CA ASP A 27 10.76 12.49 17.26
C ASP A 27 12.13 11.98 16.80
N ASN A 28 12.69 12.65 15.81
CA ASN A 28 13.99 12.28 15.27
C ASN A 28 15.17 12.77 16.09
N ASN A 29 14.89 13.49 17.17
CA ASN A 29 15.95 13.99 18.03
C ASN A 29 16.24 13.00 19.15
N GLN A 30 15.46 11.93 19.18
CA GLN A 30 15.60 10.90 20.19
C GLN A 30 16.33 9.72 19.57
N PRO A 31 17.17 9.01 20.36
CA PRO A 31 17.87 7.86 19.79
C PRO A 31 16.83 6.85 19.29
N ASP A 32 17.15 6.12 18.22
CA ASP A 32 16.23 5.15 17.67
C ASP A 32 15.91 4.00 18.61
N SER A 33 14.64 3.62 18.68
CA SER A 33 14.22 2.49 19.49
C SER A 33 13.11 1.76 18.76
N PHE A 34 13.01 0.46 18.98
CA PHE A 34 11.98 -0.33 18.33
C PHE A 34 10.59 0.23 18.67
N ALA A 35 10.34 0.45 19.95
CA ALA A 35 9.05 0.96 20.42
C ALA A 35 8.59 2.27 19.79
N ALA A 36 9.50 3.24 19.71
CA ALA A 36 9.16 4.54 19.13
C ALA A 36 9.02 4.49 17.61
N LEU A 37 9.87 3.68 16.96
CA LEU A 37 9.81 3.57 15.51
C LEU A 37 8.50 2.93 15.06
N LEU A 38 8.10 1.85 15.73
CA LEU A 38 6.85 1.18 15.37
C LEU A 38 5.62 2.02 15.74
N SER A 39 5.68 2.73 16.86
CA SER A 39 4.55 3.58 17.24
C SER A 39 4.37 4.67 16.18
N SER A 40 5.47 5.13 15.60
CA SER A 40 5.39 6.14 14.56
C SER A 40 4.91 5.52 13.26
N LEU A 41 5.31 4.28 12.99
CA LEU A 41 4.85 3.64 11.77
C LEU A 41 3.33 3.42 11.89
N ASN A 42 2.85 3.06 13.08
CA ASN A 42 1.41 2.85 13.29
C ASN A 42 0.63 4.15 13.13
N GLU A 43 1.13 5.21 13.75
CA GLU A 43 0.49 6.51 13.67
C GLU A 43 0.49 6.98 12.22
N LEU A 44 1.63 6.83 11.54
CA LEU A 44 1.73 7.22 10.14
C LEU A 44 0.73 6.42 9.30
N GLY A 45 0.66 5.12 9.57
CA GLY A 45 -0.27 4.27 8.83
C GLY A 45 -1.69 4.77 8.95
N GLU A 46 -2.11 5.14 10.14
CA GLU A 46 -3.45 5.64 10.36
C GLU A 46 -3.68 7.01 9.69
N ARG A 47 -2.67 7.86 9.70
CA ARG A 47 -2.80 9.16 9.08
C ARG A 47 -2.95 8.97 7.57
N GLN A 48 -2.22 8.00 7.02
CA GLN A 48 -2.31 7.73 5.60
C GLN A 48 -3.66 7.11 5.24
N LEU A 49 -4.21 6.26 6.11
CA LEU A 49 -5.49 5.62 5.84
C LEU A 49 -6.59 6.67 5.65
N VAL A 50 -6.55 7.74 6.45
CA VAL A 50 -7.54 8.81 6.33
C VAL A 50 -7.54 9.30 4.89
N HIS A 51 -6.33 9.50 4.36
CA HIS A 51 -6.15 9.98 3.00
C HIS A 51 -6.50 8.94 1.96
N VAL A 52 -6.17 7.68 2.23
CA VAL A 52 -6.50 6.62 1.27
C VAL A 52 -8.01 6.52 1.08
N VAL A 53 -8.76 6.69 2.18
CA VAL A 53 -10.21 6.61 2.10
C VAL A 53 -10.77 7.76 1.25
N LYS A 54 -10.28 8.97 1.47
CA LYS A 54 -10.74 10.13 0.71
C LYS A 54 -10.35 10.01 -0.76
N TRP A 55 -9.16 9.47 -0.99
CA TRP A 55 -8.63 9.27 -2.34
C TRP A 55 -9.49 8.23 -3.06
N ALA A 56 -9.70 7.08 -2.42
CA ALA A 56 -10.48 6.00 -3.00
C ALA A 56 -11.91 6.40 -3.36
N LYS A 57 -12.58 7.11 -2.45
CA LYS A 57 -13.95 7.53 -2.67
C LYS A 57 -14.11 8.57 -3.77
N ALA A 58 -12.99 9.16 -4.20
CA ALA A 58 -13.00 10.16 -5.27
C ALA A 58 -12.56 9.55 -6.59
N LEU A 59 -12.28 8.25 -6.58
CA LEU A 59 -11.84 7.53 -7.78
C LEU A 59 -12.98 7.34 -8.77
N PRO A 60 -12.69 7.44 -10.08
CA PRO A 60 -13.75 7.25 -11.08
C PRO A 60 -14.45 5.90 -10.88
N GLY A 61 -15.77 5.92 -10.82
CA GLY A 61 -16.54 4.71 -10.67
C GLY A 61 -16.54 3.97 -9.34
N PHE A 62 -15.75 4.44 -8.37
CA PHE A 62 -15.68 3.77 -7.08
C PHE A 62 -17.03 3.71 -6.36
N ARG A 63 -17.85 4.74 -6.55
CA ARG A 63 -19.17 4.80 -5.91
C ARG A 63 -20.12 3.72 -6.42
N ASN A 64 -19.80 3.13 -7.57
CA ASN A 64 -20.64 2.07 -8.14
C ASN A 64 -20.67 0.87 -7.19
N LEU A 65 -19.54 0.64 -6.53
CA LEU A 65 -19.41 -0.48 -5.60
C LEU A 65 -20.35 -0.37 -4.42
N HIS A 66 -20.83 -1.51 -3.93
CA HIS A 66 -21.72 -1.52 -2.78
C HIS A 66 -21.01 -0.90 -1.59
N VAL A 67 -21.74 -0.16 -0.77
CA VAL A 67 -21.20 0.53 0.39
C VAL A 67 -20.25 -0.33 1.23
N ASP A 68 -20.65 -1.57 1.52
CA ASP A 68 -19.83 -2.47 2.32
C ASP A 68 -18.58 -2.93 1.58
N ASP A 69 -18.67 -3.06 0.26
CA ASP A 69 -17.53 -3.49 -0.52
C ASP A 69 -16.48 -2.38 -0.59
N GLN A 70 -16.92 -1.13 -0.58
CA GLN A 70 -16.01 0.01 -0.64
C GLN A 70 -15.07 -0.03 0.56
N MET A 71 -15.65 -0.19 1.75
CA MET A 71 -14.87 -0.23 2.99
C MET A 71 -13.94 -1.44 3.05
N ALA A 72 -14.43 -2.60 2.65
CA ALA A 72 -13.64 -3.83 2.67
C ALA A 72 -12.43 -3.75 1.75
N VAL A 73 -12.66 -3.32 0.51
CA VAL A 73 -11.61 -3.21 -0.48
C VAL A 73 -10.50 -2.25 -0.04
N ILE A 74 -10.89 -1.16 0.63
CA ILE A 74 -9.92 -0.18 1.11
C ILE A 74 -9.09 -0.78 2.23
N GLN A 75 -9.77 -1.43 3.18
CA GLN A 75 -9.07 -2.03 4.31
C GLN A 75 -8.11 -3.15 3.90
N TYR A 76 -8.50 -3.98 2.95
CA TYR A 76 -7.64 -5.07 2.49
C TYR A 76 -6.44 -4.56 1.69
N SER A 77 -6.67 -3.57 0.83
CA SER A 77 -5.64 -3.01 -0.03
C SER A 77 -4.75 -1.97 0.63
N TRP A 78 -5.17 -1.52 1.80
CA TRP A 78 -4.45 -0.50 2.56
C TRP A 78 -2.94 -0.67 2.60
N MET A 79 -2.46 -1.81 3.09
CA MET A 79 -1.01 -2.05 3.17
C MET A 79 -0.34 -1.97 1.79
N GLY A 80 -0.88 -2.69 0.81
CA GLY A 80 -0.31 -2.69 -0.51
C GLY A 80 -0.22 -1.30 -1.13
N LEU A 81 -1.29 -0.53 -1.00
CA LEU A 81 -1.33 0.84 -1.53
C LEU A 81 -0.22 1.69 -0.92
N MET A 82 0.00 1.56 0.38
CA MET A 82 1.04 2.33 1.05
C MET A 82 2.43 1.89 0.61
N VAL A 83 2.63 0.58 0.48
CA VAL A 83 3.91 0.03 0.06
C VAL A 83 4.30 0.58 -1.31
N PHE A 84 3.36 0.54 -2.24
CA PHE A 84 3.60 1.00 -3.60
C PHE A 84 3.95 2.48 -3.64
N ALA A 85 3.18 3.29 -2.91
CA ALA A 85 3.43 4.73 -2.88
C ALA A 85 4.72 5.05 -2.14
N MET A 86 5.08 4.26 -1.14
CA MET A 86 6.30 4.52 -0.39
C MET A 86 7.50 4.26 -1.29
N GLY A 87 7.43 3.19 -2.09
CA GLY A 87 8.50 2.86 -2.99
C GLY A 87 8.73 3.97 -4.00
N TRP A 88 7.64 4.58 -4.47
CA TRP A 88 7.74 5.67 -5.43
C TRP A 88 8.39 6.90 -4.80
N ARG A 89 7.98 7.23 -3.58
CA ARG A 89 8.56 8.38 -2.87
C ARG A 89 10.04 8.15 -2.60
N SER A 90 10.41 6.91 -2.32
CA SER A 90 11.81 6.59 -2.05
C SER A 90 12.63 6.84 -3.30
N PHE A 91 12.09 6.42 -4.44
CA PHE A 91 12.78 6.59 -5.72
C PHE A 91 12.91 8.04 -6.13
N THR A 92 11.79 8.76 -6.11
CA THR A 92 11.79 10.17 -6.51
C THR A 92 12.50 11.11 -5.54
N ASN A 93 12.35 10.87 -4.24
CA ASN A 93 12.96 11.74 -3.23
C ASN A 93 14.44 11.47 -2.91
N VAL A 94 14.81 10.20 -2.75
CA VAL A 94 16.20 9.88 -2.41
C VAL A 94 16.86 8.82 -3.28
N ASN A 95 16.34 8.64 -4.49
CA ASN A 95 16.88 7.66 -5.43
C ASN A 95 17.11 6.29 -4.79
N SER A 96 16.14 5.87 -3.97
CA SER A 96 16.19 4.56 -3.31
C SER A 96 17.33 4.38 -2.30
N ARG A 97 17.98 5.47 -1.94
CA ARG A 97 19.09 5.40 -0.99
C ARG A 97 18.56 4.99 0.39
N MET A 98 17.33 5.42 0.68
CA MET A 98 16.67 5.10 1.94
C MET A 98 15.19 4.93 1.66
N LEU A 99 14.44 4.47 2.66
CA LEU A 99 12.99 4.30 2.52
C LEU A 99 12.32 5.56 3.08
N TYR A 100 11.64 6.28 2.20
CA TYR A 100 10.96 7.51 2.54
C TYR A 100 9.51 7.26 2.98
N PHE A 101 9.31 6.74 4.20
CA PHE A 101 7.95 6.52 4.68
C PHE A 101 7.24 7.85 4.79
N ALA A 102 7.99 8.88 5.19
CA ALA A 102 7.48 10.24 5.33
C ALA A 102 8.69 11.16 5.46
N PRO A 103 8.49 12.47 5.28
CA PRO A 103 9.62 13.42 5.39
C PRO A 103 10.33 13.30 6.73
N ASP A 104 9.57 12.98 7.78
CA ASP A 104 10.12 12.86 9.13
C ASP A 104 10.25 11.41 9.60
N LEU A 105 10.21 10.47 8.66
CA LEU A 105 10.36 9.06 8.99
C LEU A 105 11.05 8.38 7.81
N VAL A 106 12.35 8.63 7.69
CA VAL A 106 13.16 8.07 6.61
C VAL A 106 14.02 6.96 7.20
N PHE A 107 13.96 5.77 6.61
CA PHE A 107 14.72 4.63 7.10
C PHE A 107 16.05 4.37 6.40
N ASN A 108 17.13 4.29 7.18
CA ASN A 108 18.44 3.93 6.65
C ASN A 108 18.52 2.45 7.04
N GLU A 109 19.59 1.74 6.69
CA GLU A 109 19.66 0.32 7.04
C GLU A 109 19.61 0.08 8.55
N TYR A 110 20.15 1.02 9.32
CA TYR A 110 20.15 0.88 10.77
C TYR A 110 18.72 0.83 11.31
N ARG A 111 17.88 1.74 10.82
CA ARG A 111 16.50 1.75 11.27
C ARG A 111 15.73 0.56 10.69
N MET A 112 16.12 0.10 9.51
CA MET A 112 15.45 -1.06 8.93
C MET A 112 15.68 -2.23 9.88
N HIS A 113 16.90 -2.35 10.39
CA HIS A 113 17.27 -3.41 11.32
C HIS A 113 16.60 -3.26 12.68
N LYS A 114 16.60 -2.04 13.21
CA LYS A 114 16.02 -1.78 14.52
C LYS A 114 14.51 -1.97 14.56
N SER A 115 13.86 -1.84 13.40
CA SER A 115 12.41 -1.99 13.30
C SER A 115 11.98 -3.46 13.29
N ARG A 116 12.93 -4.37 13.09
CA ARG A 116 12.66 -5.81 13.05
C ARG A 116 11.84 -6.16 11.80
N MET A 117 11.88 -5.28 10.81
CA MET A 117 11.18 -5.47 9.54
C MET A 117 12.21 -5.35 8.44
N TYR A 118 13.44 -5.78 8.73
CA TYR A 118 14.51 -5.68 7.76
C TYR A 118 14.26 -6.34 6.41
N SER A 119 13.86 -7.61 6.40
CA SER A 119 13.63 -8.26 5.12
C SER A 119 12.57 -7.56 4.29
N GLN A 120 11.47 -7.14 4.92
CA GLN A 120 10.41 -6.45 4.20
C GLN A 120 10.94 -5.11 3.66
N CYS A 121 11.71 -4.39 4.48
CA CYS A 121 12.28 -3.12 4.06
C CYS A 121 13.20 -3.27 2.86
N VAL A 122 14.05 -4.28 2.85
CA VAL A 122 14.95 -4.47 1.73
C VAL A 122 14.19 -4.80 0.46
N ARG A 123 13.06 -5.48 0.58
CA ARG A 123 12.24 -5.82 -0.58
C ARG A 123 11.58 -4.54 -1.12
N MET A 124 11.22 -3.62 -0.22
CA MET A 124 10.62 -2.37 -0.66
C MET A 124 11.70 -1.48 -1.26
N ARG A 125 12.94 -1.62 -0.82
CA ARG A 125 14.01 -0.81 -1.38
C ARG A 125 14.23 -1.28 -2.82
N HIS A 126 14.10 -2.58 -3.02
CA HIS A 126 14.26 -3.16 -4.35
C HIS A 126 13.11 -2.68 -5.24
N LEU A 127 11.92 -2.58 -4.65
CA LEU A 127 10.76 -2.10 -5.38
C LEU A 127 11.03 -0.67 -5.82
N SER A 128 11.58 0.12 -4.90
CA SER A 128 11.90 1.52 -5.16
C SER A 128 12.85 1.64 -6.34
N GLN A 129 13.86 0.79 -6.38
CA GLN A 129 14.85 0.82 -7.47
C GLN A 129 14.20 0.42 -8.79
N GLU A 130 13.23 -0.48 -8.73
CA GLU A 130 12.54 -0.94 -9.92
C GLU A 130 11.83 0.19 -10.63
N PHE A 131 11.31 1.15 -9.87
CA PHE A 131 10.63 2.29 -10.48
C PHE A 131 11.63 2.99 -11.39
N GLY A 132 12.88 3.04 -10.95
CA GLY A 132 13.92 3.67 -11.74
C GLY A 132 14.38 2.82 -12.91
N TRP A 133 14.67 1.55 -12.63
CA TRP A 133 15.14 0.63 -13.66
C TRP A 133 14.15 0.47 -14.81
N LEU A 134 12.86 0.38 -14.47
CA LEU A 134 11.81 0.22 -15.48
C LEU A 134 11.33 1.57 -16.03
N GLN A 135 11.94 2.65 -15.55
CA GLN A 135 11.59 3.99 -15.99
C GLN A 135 10.08 4.23 -15.92
N ILE A 136 9.49 3.89 -14.78
CA ILE A 136 8.07 4.08 -14.60
C ILE A 136 7.74 5.57 -14.63
N THR A 137 6.74 5.95 -15.43
CA THR A 137 6.36 7.35 -15.52
C THR A 137 5.38 7.69 -14.40
N PRO A 138 5.24 8.98 -14.08
CA PRO A 138 4.31 9.38 -13.02
C PRO A 138 2.88 8.95 -13.33
N GLN A 139 2.54 8.90 -14.61
CA GLN A 139 1.19 8.51 -15.03
C GLN A 139 0.98 7.01 -14.93
N GLU A 140 2.00 6.22 -15.24
CA GLU A 140 1.88 4.78 -15.12
C GLU A 140 1.75 4.46 -13.64
N PHE A 141 2.52 5.19 -12.82
CA PHE A 141 2.49 5.02 -11.38
C PHE A 141 1.09 5.27 -10.83
N LEU A 142 0.49 6.39 -11.23
CA LEU A 142 -0.85 6.74 -10.76
C LEU A 142 -1.90 5.69 -11.14
N CYS A 143 -1.85 5.22 -12.39
CA CYS A 143 -2.83 4.24 -12.83
C CYS A 143 -2.61 2.88 -12.15
N MET A 144 -1.35 2.50 -11.99
CA MET A 144 -1.00 1.23 -11.34
C MET A 144 -1.47 1.24 -9.88
N LYS A 145 -1.23 2.36 -9.20
CA LYS A 145 -1.64 2.48 -7.80
C LYS A 145 -3.15 2.32 -7.66
N ALA A 146 -3.91 2.96 -8.53
CA ALA A 146 -5.37 2.86 -8.48
C ALA A 146 -5.79 1.41 -8.73
N LEU A 147 -5.08 0.72 -9.63
CA LEU A 147 -5.38 -0.66 -9.97
C LEU A 147 -5.17 -1.57 -8.74
N LEU A 148 -4.21 -1.19 -7.90
CA LEU A 148 -3.90 -1.96 -6.69
C LEU A 148 -5.08 -2.02 -5.73
N LEU A 149 -5.91 -0.98 -5.74
CA LEU A 149 -7.08 -0.93 -4.87
C LEU A 149 -8.06 -2.04 -5.25
N PHE A 150 -8.05 -2.43 -6.53
CA PHE A 150 -8.95 -3.47 -7.03
C PHE A 150 -8.21 -4.76 -7.32
N SER A 151 -7.28 -5.13 -6.45
CA SER A 151 -6.49 -6.34 -6.65
C SER A 151 -6.49 -7.36 -5.51
N ILE A 152 -7.48 -7.27 -4.62
CA ILE A 152 -7.59 -8.21 -3.51
C ILE A 152 -9.06 -8.41 -3.16
N ILE A 153 -9.52 -9.65 -3.29
CA ILE A 153 -10.92 -9.97 -3.02
C ILE A 153 -11.17 -11.23 -2.18
N PRO A 154 -12.36 -11.32 -1.57
CA PRO A 154 -12.80 -12.43 -0.72
C PRO A 154 -13.19 -13.62 -1.58
N VAL A 155 -12.84 -14.82 -1.11
CA VAL A 155 -13.18 -16.04 -1.83
C VAL A 155 -14.70 -16.18 -1.91
N ASP A 156 -15.39 -15.79 -0.84
CA ASP A 156 -16.84 -15.89 -0.81
C ASP A 156 -17.53 -14.74 -1.54
N GLY A 157 -16.72 -13.90 -2.20
CA GLY A 157 -17.25 -12.79 -2.97
C GLY A 157 -17.72 -11.56 -2.22
N LEU A 158 -17.78 -10.44 -2.94
CA LEU A 158 -18.22 -9.16 -2.39
C LEU A 158 -19.74 -9.11 -2.52
N LYS A 159 -20.36 -8.09 -1.95
CA LYS A 159 -21.82 -7.93 -2.03
C LYS A 159 -22.23 -7.84 -3.48
N ASN A 160 -21.48 -7.05 -4.25
CA ASN A 160 -21.73 -6.88 -5.67
C ASN A 160 -20.43 -7.15 -6.42
N GLN A 161 -20.13 -8.44 -6.62
CA GLN A 161 -18.92 -8.84 -7.30
C GLN A 161 -18.89 -8.34 -8.75
N LYS A 162 -20.04 -8.38 -9.41
CA LYS A 162 -20.13 -7.94 -10.80
C LYS A 162 -19.70 -6.50 -11.01
N PHE A 163 -20.12 -5.60 -10.11
CA PHE A 163 -19.74 -4.21 -10.25
C PHE A 163 -18.24 -4.06 -10.04
N PHE A 164 -17.69 -4.88 -9.15
CA PHE A 164 -16.25 -4.84 -8.86
C PHE A 164 -15.46 -5.33 -10.07
N ASP A 165 -15.92 -6.41 -10.70
CA ASP A 165 -15.24 -6.96 -11.86
C ASP A 165 -15.21 -5.97 -13.02
N GLU A 166 -16.31 -5.26 -13.23
CA GLU A 166 -16.40 -4.27 -14.30
C GLU A 166 -15.41 -3.15 -14.06
N LEU A 167 -15.37 -2.66 -12.84
CA LEU A 167 -14.48 -1.56 -12.46
C LEU A 167 -13.02 -1.94 -12.64
N ARG A 168 -12.64 -3.14 -12.20
CA ARG A 168 -11.26 -3.58 -12.33
C ARG A 168 -10.88 -3.69 -13.81
N MET A 169 -11.81 -4.17 -14.63
CA MET A 169 -11.56 -4.30 -16.06
C MET A 169 -11.35 -2.91 -16.66
N ASN A 170 -12.13 -1.95 -16.21
CA ASN A 170 -12.02 -0.59 -16.71
C ASN A 170 -10.68 0.03 -16.36
N TYR A 171 -10.19 -0.22 -15.14
CA TYR A 171 -8.90 0.32 -14.74
C TYR A 171 -7.77 -0.35 -15.52
N ILE A 172 -7.93 -1.63 -15.86
CA ILE A 172 -6.93 -2.33 -16.63
C ILE A 172 -6.90 -1.69 -18.03
N LYS A 173 -8.08 -1.38 -18.55
CA LYS A 173 -8.18 -0.77 -19.88
C LYS A 173 -7.48 0.59 -19.88
N GLU A 174 -7.62 1.36 -18.82
CA GLU A 174 -6.97 2.66 -18.76
C GLU A 174 -5.45 2.47 -18.80
N LEU A 175 -4.95 1.43 -18.13
CA LEU A 175 -3.51 1.16 -18.12
C LEU A 175 -3.06 0.88 -19.55
N ASP A 176 -3.90 0.14 -20.29
CA ASP A 176 -3.62 -0.20 -21.69
C ASP A 176 -3.45 1.09 -22.50
N ARG A 177 -4.35 2.04 -22.27
CA ARG A 177 -4.34 3.31 -22.97
C ARG A 177 -3.11 4.14 -22.63
N ILE A 178 -2.71 4.13 -21.36
CA ILE A 178 -1.53 4.89 -20.97
C ILE A 178 -0.31 4.27 -21.63
N ILE A 179 -0.29 2.94 -21.68
CA ILE A 179 0.81 2.20 -22.29
C ILE A 179 0.86 2.45 -23.80
N ALA A 180 -0.31 2.47 -24.44
CA ALA A 180 -0.40 2.70 -25.88
C ALA A 180 -0.17 4.17 -26.22
N CYS A 189 3.87 -2.40 -26.73
CA CYS A 189 2.85 -2.32 -25.69
C CYS A 189 2.80 -3.59 -24.86
N SER A 190 2.85 -4.74 -25.54
CA SER A 190 2.81 -6.03 -24.86
C SER A 190 3.92 -6.17 -23.83
N ARG A 191 5.15 -5.92 -24.24
CA ARG A 191 6.28 -6.05 -23.32
C ARG A 191 6.13 -5.12 -22.11
N ARG A 192 5.61 -3.92 -22.34
CA ARG A 192 5.42 -2.97 -21.26
C ARG A 192 4.36 -3.45 -20.29
N PHE A 193 3.26 -3.98 -20.82
CA PHE A 193 2.18 -4.48 -19.96
C PHE A 193 2.73 -5.62 -19.12
N TYR A 194 3.61 -6.42 -19.71
CA TYR A 194 4.22 -7.54 -19.00
C TYR A 194 5.04 -6.99 -17.82
N GLN A 195 5.89 -6.01 -18.11
CA GLN A 195 6.74 -5.41 -17.07
C GLN A 195 5.93 -4.82 -15.93
N LEU A 196 4.92 -4.03 -16.26
CA LEU A 196 4.09 -3.37 -15.26
C LEU A 196 3.26 -4.31 -14.40
N THR A 197 2.70 -5.36 -15.01
CA THR A 197 1.90 -6.31 -14.26
C THR A 197 2.79 -7.15 -13.36
N LYS A 198 4.03 -7.37 -13.78
CA LYS A 198 4.96 -8.15 -12.98
C LYS A 198 5.33 -7.30 -11.76
N LEU A 199 5.54 -6.01 -11.98
CA LEU A 199 5.89 -5.11 -10.89
C LEU A 199 4.74 -5.05 -9.89
N LEU A 200 3.51 -4.94 -10.41
CA LEU A 200 2.32 -4.88 -9.55
C LEU A 200 2.19 -6.12 -8.68
N ASP A 201 2.42 -7.30 -9.27
CA ASP A 201 2.34 -8.57 -8.56
C ASP A 201 3.34 -8.61 -7.40
N SER A 202 4.53 -8.05 -7.63
CA SER A 202 5.59 -8.06 -6.63
C SER A 202 5.20 -7.32 -5.35
N VAL A 203 4.20 -6.45 -5.43
CA VAL A 203 3.75 -5.69 -4.28
C VAL A 203 3.08 -6.58 -3.23
N GLN A 204 2.25 -7.51 -3.70
CA GLN A 204 1.51 -8.41 -2.83
C GLN A 204 2.32 -9.22 -1.82
N PRO A 205 3.39 -9.89 -2.27
CA PRO A 205 4.18 -10.67 -1.30
C PRO A 205 4.77 -9.80 -0.19
N ILE A 206 5.12 -8.56 -0.54
CA ILE A 206 5.67 -7.63 0.45
C ILE A 206 4.60 -7.25 1.47
N ALA A 207 3.42 -6.90 0.96
CA ALA A 207 2.31 -6.53 1.85
C ALA A 207 1.99 -7.70 2.78
N ARG A 208 2.08 -8.92 2.26
CA ARG A 208 1.80 -10.13 3.03
C ARG A 208 2.79 -10.28 4.19
N GLU A 209 4.07 -10.03 3.92
CA GLU A 209 5.10 -10.13 4.96
C GLU A 209 4.88 -9.05 6.02
N LEU A 210 4.42 -7.88 5.58
CA LEU A 210 4.18 -6.79 6.52
C LEU A 210 2.94 -7.11 7.37
N HIS A 211 1.93 -7.68 6.74
CA HIS A 211 0.70 -8.05 7.44
C HIS A 211 1.00 -9.07 8.52
N GLN A 212 1.82 -10.06 8.18
CA GLN A 212 2.19 -11.11 9.12
C GLN A 212 2.93 -10.52 10.31
N PHE A 213 3.91 -9.67 10.01
CA PHE A 213 4.71 -9.02 11.04
C PHE A 213 3.82 -8.17 11.95
N THR A 214 2.99 -7.34 11.33
CA THR A 214 2.09 -6.45 12.06
C THR A 214 1.12 -7.26 12.92
N PHE A 215 0.66 -8.38 12.38
CA PHE A 215 -0.25 -9.24 13.12
C PHE A 215 0.45 -9.77 14.37
N ASP A 216 1.63 -10.37 14.19
CA ASP A 216 2.35 -10.89 15.33
C ASP A 216 2.65 -9.81 16.37
N LEU A 217 2.99 -8.61 15.89
CA LEU A 217 3.30 -7.49 16.79
C LEU A 217 2.10 -7.10 17.65
N LEU A 218 0.92 -6.96 17.04
CA LEU A 218 -0.28 -6.59 17.81
C LEU A 218 -0.59 -7.62 18.90
N ILE A 219 -0.44 -8.90 18.56
CA ILE A 219 -0.72 -9.98 19.50
C ILE A 219 0.20 -9.92 20.72
N LYS A 220 1.38 -9.34 20.57
CA LYS A 220 2.32 -9.22 21.69
C LYS A 220 2.65 -7.77 22.00
N SER A 221 1.87 -6.85 21.44
CA SER A 221 2.10 -5.42 21.64
C SER A 221 2.36 -5.03 23.09
N HIS A 222 1.62 -5.66 24.01
CA HIS A 222 1.77 -5.36 25.43
C HIS A 222 3.12 -5.80 25.98
N MET A 223 3.81 -6.65 25.24
CA MET A 223 5.12 -7.17 25.63
C MET A 223 6.30 -6.33 25.14
N VAL A 224 6.06 -5.49 24.14
CA VAL A 224 7.14 -4.67 23.59
C VAL A 224 6.87 -3.17 23.66
N SER A 225 5.85 -2.78 24.40
CA SER A 225 5.49 -1.38 24.57
C SER A 225 5.18 -0.63 23.26
N VAL A 226 4.45 -1.28 22.37
CA VAL A 226 4.09 -0.66 21.10
C VAL A 226 2.65 -0.15 21.18
N ASP A 227 2.42 1.06 20.69
CA ASP A 227 1.10 1.69 20.72
C ASP A 227 0.35 1.54 19.40
N PHE A 228 -0.75 0.80 19.43
CA PHE A 228 -1.57 0.61 18.25
C PHE A 228 -2.83 1.45 18.30
N PRO A 229 -3.04 2.29 17.28
CA PRO A 229 -4.22 3.16 17.22
C PRO A 229 -5.48 2.31 17.10
N GLU A 230 -6.57 2.81 17.65
CA GLU A 230 -7.87 2.13 17.65
C GLU A 230 -8.27 1.47 16.34
N MET A 231 -8.44 2.28 15.30
CA MET A 231 -8.86 1.77 13.99
C MET A 231 -7.91 0.73 13.41
N MET A 232 -6.60 0.93 13.56
CA MET A 232 -5.64 -0.01 13.03
C MET A 232 -5.75 -1.35 13.74
N ALA A 233 -5.85 -1.33 15.06
CA ALA A 233 -5.98 -2.57 15.84
C ALA A 233 -7.21 -3.37 15.42
N GLU A 234 -8.31 -2.67 15.18
CA GLU A 234 -9.53 -3.32 14.75
C GLU A 234 -9.33 -3.98 13.39
N ILE A 235 -8.70 -3.26 12.46
CA ILE A 235 -8.46 -3.79 11.12
C ILE A 235 -7.51 -4.98 11.13
N ILE A 236 -6.45 -4.90 11.93
CA ILE A 236 -5.47 -5.98 12.02
C ILE A 236 -6.10 -7.24 12.61
N SER A 237 -7.03 -7.07 13.55
CA SER A 237 -7.67 -8.21 14.20
C SER A 237 -8.89 -8.74 13.47
N VAL A 238 -9.54 -7.90 12.65
CA VAL A 238 -10.73 -8.34 11.93
C VAL A 238 -10.50 -8.64 10.44
N GLN A 239 -9.80 -7.76 9.75
CA GLN A 239 -9.56 -7.93 8.32
C GLN A 239 -8.29 -8.67 7.94
N VAL A 240 -7.16 -8.28 8.53
CA VAL A 240 -5.88 -8.91 8.22
C VAL A 240 -5.86 -10.44 8.37
N PRO A 241 -6.53 -10.98 9.41
CA PRO A 241 -6.51 -12.45 9.56
C PRO A 241 -7.24 -13.17 8.41
N LYS A 242 -8.16 -12.45 7.75
CA LYS A 242 -8.90 -13.03 6.62
C LYS A 242 -7.91 -13.22 5.48
N ILE A 243 -6.96 -12.29 5.35
CA ILE A 243 -5.95 -12.37 4.30
C ILE A 243 -4.94 -13.45 4.64
N LEU A 244 -4.48 -13.46 5.89
CA LEU A 244 -3.50 -14.44 6.34
C LEU A 244 -4.02 -15.88 6.34
N SER A 245 -5.31 -16.06 6.59
CA SER A 245 -5.89 -17.41 6.61
C SER A 245 -6.36 -17.87 5.23
N GLY A 246 -6.18 -17.01 4.23
CA GLY A 246 -6.58 -17.35 2.86
C GLY A 246 -8.01 -17.11 2.45
N LYS A 247 -8.80 -16.46 3.31
CA LYS A 247 -10.19 -16.17 2.98
C LYS A 247 -10.29 -14.99 2.01
N VAL A 248 -9.33 -14.08 2.11
CA VAL A 248 -9.27 -12.91 1.23
C VAL A 248 -7.93 -13.03 0.52
N LYS A 249 -7.95 -13.04 -0.81
CA LYS A 249 -6.71 -13.19 -1.56
C LYS A 249 -6.46 -12.17 -2.65
N PRO A 250 -5.17 -11.91 -2.95
CA PRO A 250 -4.84 -10.95 -3.99
C PRO A 250 -5.04 -11.55 -5.38
N ILE A 251 -5.28 -10.68 -6.36
CA ILE A 251 -5.45 -11.12 -7.72
C ILE A 251 -4.12 -10.86 -8.42
N TYR A 252 -3.44 -11.93 -8.81
CA TYR A 252 -2.17 -11.77 -9.50
C TYR A 252 -2.43 -11.86 -11.00
N PHE A 253 -1.57 -11.22 -11.78
CA PHE A 253 -1.69 -11.28 -13.23
C PHE A 253 -0.99 -12.55 -13.70
N HIS A 254 0.12 -12.88 -13.04
CA HIS A 254 0.92 -14.02 -13.42
C HIS A 254 0.79 -15.26 -12.54
#